data_3BRP
#
_entry.id   3BRP
#
_cell.length_a   102.818
_cell.length_b   102.818
_cell.length_c   172.883
_cell.angle_alpha   90.00
_cell.angle_beta   90.00
_cell.angle_gamma   120.00
#
_symmetry.space_group_name_H-M   'H 3 2'
#
loop_
_entity.id
_entity.type
_entity.pdbx_description
1 polymer 'C-phycocyanin alpha chain'
2 polymer 'C-phycocyanin beta chain'
3 non-polymer 'BILIVERDINE IX ALPHA'
4 water water
#
loop_
_entity_poly.entity_id
_entity_poly.type
_entity_poly.pdbx_seq_one_letter_code
_entity_poly.pdbx_strand_id
1 'polypeptide(L)'
;MKTPITEAIAAADNQGRFLSNTELQAVNGRYQRAAASLEAARSLTSNAQRLINGAAQAVYSKFPYTSQMPGPQYASSAVG
KAKCARDIGYYLRMVTYCLVVGGTGPMDEYLIAGLEEINRTFDLSPSWYVEALNYVKSNHGLSGQAANEANTYIDYAINA
LS
;
A
2 'polypeptide(L)'
;MLDAFAKVVAQADARGEFLSNTQLDALSKMVSEGNKRLDVVNRITSNASAIVTNAARALFSEQPQLIQPGG(MEN)AYTN
RRMAACLRDMEIILRYVSYAIIAGDSSVLDDRCLNGLRETYQALGVPGASVAVGVEKMKDSAIAIANDPSGITTGDCSAL
MAEVGTYFDRAATAVQ
;
B
#
loop_
_chem_comp.id
_chem_comp.type
_chem_comp.name
_chem_comp.formula
BLA non-polymer 'BILIVERDINE IX ALPHA' 'C33 H34 N4 O6'
#
# COMPACT_ATOMS: atom_id res chain seq x y z
N LYS A 2 1.50 -8.39 -14.45
CA LYS A 2 1.21 -9.02 -13.15
C LYS A 2 -0.29 -9.25 -12.91
N THR A 3 -0.63 -10.52 -12.74
CA THR A 3 -1.94 -10.96 -12.29
C THR A 3 -1.59 -12.07 -11.31
N PRO A 4 -2.53 -12.52 -10.47
CA PRO A 4 -2.16 -13.64 -9.58
C PRO A 4 -1.75 -14.87 -10.39
N ILE A 5 -2.26 -15.00 -11.61
CA ILE A 5 -1.93 -16.18 -12.39
C ILE A 5 -0.51 -16.08 -12.95
N THR A 6 -0.17 -14.95 -13.60
CA THR A 6 1.20 -14.75 -14.11
C THR A 6 2.26 -14.77 -13.01
N GLU A 7 1.91 -14.23 -11.84
CA GLU A 7 2.80 -14.27 -10.72
C GLU A 7 3.05 -15.71 -10.27
N ALA A 8 1.99 -16.54 -10.27
CA ALA A 8 2.13 -17.93 -9.88
C ALA A 8 3.06 -18.64 -10.82
N ILE A 9 2.83 -18.48 -12.13
CA ILE A 9 3.73 -19.01 -13.15
C ILE A 9 5.19 -18.50 -12.95
N ALA A 10 5.34 -17.19 -12.74
CA ALA A 10 6.66 -16.61 -12.66
C ALA A 10 7.38 -17.22 -11.48
N ALA A 11 6.68 -17.44 -10.36
CA ALA A 11 7.29 -18.00 -9.15
C ALA A 11 7.77 -19.45 -9.43
N ALA A 12 6.97 -20.20 -10.16
CA ALA A 12 7.37 -21.55 -10.53
C ALA A 12 8.54 -21.51 -11.52
N ASP A 13 8.42 -20.67 -12.55
CA ASP A 13 9.43 -20.64 -13.63
C ASP A 13 10.80 -20.13 -13.15
N ASN A 14 10.80 -19.15 -12.24
CA ASN A 14 12.06 -18.61 -11.69
C ASN A 14 12.87 -19.70 -10.99
N GLN A 15 12.19 -20.73 -10.48
CA GLN A 15 12.87 -21.88 -9.89
C GLN A 15 12.93 -23.10 -10.79
N GLY A 16 12.60 -22.94 -12.06
CA GLY A 16 12.63 -24.05 -12.98
C GLY A 16 11.75 -25.23 -12.59
N ARG A 17 10.66 -25.00 -11.88
CA ARG A 17 9.84 -26.12 -11.42
C ARG A 17 8.39 -26.05 -11.90
N PHE A 18 7.70 -27.17 -11.79
CA PHE A 18 6.29 -27.21 -12.12
C PHE A 18 5.56 -26.40 -11.04
N LEU A 19 4.35 -25.95 -11.37
CA LEU A 19 3.39 -25.35 -10.41
C LEU A 19 3.14 -26.31 -9.27
N SER A 20 3.22 -25.83 -8.03
CA SER A 20 2.82 -26.66 -6.93
C SER A 20 1.52 -26.15 -6.30
N ASN A 21 1.08 -26.84 -5.25
CA ASN A 21 -0.17 -26.48 -4.61
C ASN A 21 -0.09 -25.05 -4.09
N THR A 22 1.14 -24.64 -3.77
CA THR A 22 1.40 -23.34 -3.24
C THR A 22 0.89 -22.29 -4.24
N GLU A 23 1.15 -22.50 -5.53
CA GLU A 23 0.65 -21.62 -6.60
C GLU A 23 -0.82 -21.87 -7.00
N LEU A 24 -1.26 -23.12 -7.04
CA LEU A 24 -2.67 -23.40 -7.33
C LEU A 24 -3.60 -22.71 -6.31
N GLN A 25 -3.23 -22.72 -5.04
CA GLN A 25 -4.04 -22.04 -3.98
C GLN A 25 -4.09 -20.52 -4.15
N ALA A 26 -2.98 -19.94 -4.58
CA ALA A 26 -2.97 -18.55 -4.99
C ALA A 26 -4.01 -18.25 -6.10
N VAL A 27 -4.14 -19.16 -7.06
CA VAL A 27 -5.03 -18.91 -8.19
C VAL A 27 -6.48 -19.12 -7.72
N ASN A 28 -6.68 -20.08 -6.84
CA ASN A 28 -7.98 -20.24 -6.20
C ASN A 28 -8.43 -18.90 -5.59
N GLY A 29 -7.52 -18.20 -4.89
CA GLY A 29 -7.86 -16.90 -4.25
C GLY A 29 -8.30 -15.85 -5.27
N ARG A 30 -7.60 -15.83 -6.39
CA ARG A 30 -7.97 -15.01 -7.53
C ARG A 30 -9.40 -15.28 -8.02
N TYR A 31 -9.80 -16.55 -8.11
CA TYR A 31 -11.19 -16.87 -8.50
C TYR A 31 -12.20 -16.47 -7.39
N GLN A 32 -11.86 -16.74 -6.13
CA GLN A 32 -12.73 -16.39 -5.01
C GLN A 32 -13.09 -14.89 -4.89
N ARG A 33 -12.14 -14.04 -5.22
CA ARG A 33 -12.35 -12.58 -5.22
C ARG A 33 -12.90 -12.05 -6.58
N ALA A 34 -13.10 -12.93 -7.52
CA ALA A 34 -13.63 -12.45 -8.79
C ALA A 34 -15.02 -11.81 -8.66
N ALA A 35 -15.94 -12.40 -7.89
CA ALA A 35 -17.30 -11.80 -7.72
C ALA A 35 -17.23 -10.32 -7.34
N ALA A 36 -16.55 -10.01 -6.24
CA ALA A 36 -16.36 -8.61 -5.85
C ALA A 36 -15.68 -7.73 -6.92
N SER A 37 -14.66 -8.26 -7.59
CA SER A 37 -13.86 -7.47 -8.52
C SER A 37 -14.73 -7.15 -9.74
N LEU A 38 -15.50 -8.14 -10.14
CA LEU A 38 -16.38 -8.02 -11.31
C LEU A 38 -17.61 -7.13 -11.00
N GLU A 39 -18.15 -7.19 -9.78
CA GLU A 39 -19.20 -6.24 -9.34
C GLU A 39 -18.67 -4.81 -9.51
N ALA A 40 -17.45 -4.58 -9.02
CA ALA A 40 -16.85 -3.22 -9.11
C ALA A 40 -16.61 -2.84 -10.58
N ALA A 41 -15.97 -3.73 -11.36
CA ALA A 41 -15.66 -3.44 -12.76
C ALA A 41 -16.92 -3.08 -13.57
N ARG A 42 -17.97 -3.89 -13.41
CA ARG A 42 -19.26 -3.66 -14.09
C ARG A 42 -19.88 -2.30 -13.69
N SER A 43 -19.90 -1.97 -12.39
CA SER A 43 -20.46 -0.69 -11.93
C SER A 43 -19.64 0.53 -12.40
N LEU A 44 -18.32 0.47 -12.20
CA LEU A 44 -17.44 1.58 -12.61
C LEU A 44 -17.57 1.84 -14.12
N THR A 45 -17.71 0.75 -14.87
CA THR A 45 -17.81 0.83 -16.34
C THR A 45 -19.15 1.46 -16.77
N SER A 46 -20.25 1.01 -16.18
CA SER A 46 -21.57 1.55 -16.51
C SER A 46 -21.62 3.03 -16.21
N ASN A 47 -20.92 3.42 -15.13
CA ASN A 47 -20.91 4.79 -14.63
C ASN A 47 -19.71 5.62 -15.10
N ALA A 48 -18.97 5.12 -16.10
CA ALA A 48 -17.71 5.73 -16.52
C ALA A 48 -17.86 7.20 -16.92
N GLN A 49 -18.79 7.49 -17.83
CA GLN A 49 -18.98 8.87 -18.30
C GLN A 49 -19.22 9.87 -17.16
N ARG A 50 -20.09 9.52 -16.23
CA ARG A 50 -20.45 10.40 -15.12
C ARG A 50 -19.28 10.58 -14.18
N LEU A 51 -18.56 9.49 -13.95
CA LEU A 51 -17.43 9.54 -13.00
C LEU A 51 -16.28 10.33 -13.62
N ILE A 52 -16.03 10.15 -14.92
CA ILE A 52 -14.94 10.86 -15.54
C ILE A 52 -15.22 12.35 -15.61
N ASN A 53 -16.39 12.72 -16.12
CA ASN A 53 -16.68 14.15 -16.27
C ASN A 53 -16.86 14.82 -14.92
N GLY A 54 -17.47 14.10 -13.98
CA GLY A 54 -17.56 14.56 -12.57
C GLY A 54 -16.21 14.81 -11.91
N ALA A 55 -15.27 13.88 -12.10
CA ALA A 55 -13.95 14.02 -11.50
C ALA A 55 -13.22 15.20 -12.08
N ALA A 56 -13.28 15.36 -13.42
CA ALA A 56 -12.63 16.47 -14.08
C ALA A 56 -13.12 17.80 -13.53
N GLN A 57 -14.43 17.93 -13.38
CA GLN A 57 -15.02 19.17 -12.81
C GLN A 57 -14.61 19.43 -11.35
N ALA A 58 -14.56 18.36 -10.53
CA ALA A 58 -14.06 18.46 -9.15
C ALA A 58 -12.60 18.95 -9.08
N VAL A 59 -11.78 18.50 -10.00
CA VAL A 59 -10.37 18.90 -10.04
C VAL A 59 -10.29 20.41 -10.34
N TYR A 60 -10.97 20.86 -11.40
CA TYR A 60 -10.97 22.32 -11.69
C TYR A 60 -11.48 23.15 -10.52
N SER A 61 -12.51 22.67 -9.83
CA SER A 61 -13.03 23.43 -8.65
C SER A 61 -12.09 23.39 -7.45
N LYS A 62 -11.34 22.31 -7.29
CA LYS A 62 -10.35 22.26 -6.19
C LYS A 62 -9.13 23.13 -6.56
N PHE A 63 -8.81 23.16 -7.86
CA PHE A 63 -7.64 23.91 -8.32
C PHE A 63 -8.06 24.87 -9.44
N PRO A 64 -8.81 25.94 -9.11
CA PRO A 64 -9.34 26.87 -10.13
C PRO A 64 -8.29 27.48 -11.03
N TYR A 65 -7.08 27.70 -10.53
CA TYR A 65 -5.98 28.15 -11.37
C TYR A 65 -5.74 27.31 -12.64
N THR A 66 -6.06 26.01 -12.61
CA THR A 66 -5.93 25.13 -13.79
C THR A 66 -6.85 25.51 -14.95
N SER A 67 -7.90 26.29 -14.64
CA SER A 67 -8.89 26.83 -15.60
C SER A 67 -8.45 28.15 -16.18
N GLN A 68 -7.50 28.81 -15.52
CA GLN A 68 -7.09 30.16 -15.90
C GLN A 68 -5.60 30.37 -16.24
N MET A 69 -4.67 29.66 -15.61
CA MET A 69 -3.24 29.91 -15.87
C MET A 69 -2.82 29.59 -17.31
N PRO A 70 -2.01 30.49 -17.94
CA PRO A 70 -1.59 30.28 -19.32
C PRO A 70 -0.51 29.20 -19.34
N GLY A 71 -0.62 28.31 -20.32
CA GLY A 71 0.38 27.23 -20.46
C GLY A 71 -0.29 25.95 -20.91
N PRO A 72 0.44 25.14 -21.68
CA PRO A 72 -0.17 23.94 -22.25
C PRO A 72 -0.42 22.88 -21.20
N GLN A 73 0.18 23.03 -20.01
CA GLN A 73 -0.01 22.03 -18.99
C GLN A 73 -1.38 22.16 -18.28
N TYR A 74 -2.10 23.24 -18.61
CA TYR A 74 -3.31 23.60 -17.87
C TYR A 74 -4.56 23.38 -18.68
N ALA A 75 -5.67 23.18 -17.97
CA ALA A 75 -7.00 23.07 -18.52
C ALA A 75 -7.64 24.46 -18.73
N SER A 76 -6.82 25.42 -19.13
CA SER A 76 -7.25 26.78 -19.39
C SER A 76 -7.56 26.99 -20.87
N SER A 77 -7.60 25.90 -21.64
CA SER A 77 -8.07 25.86 -23.04
C SER A 77 -8.99 24.67 -23.29
N ALA A 78 -9.77 24.73 -24.37
CA ALA A 78 -10.55 23.55 -24.79
C ALA A 78 -9.65 22.32 -24.96
N VAL A 79 -8.46 22.51 -25.53
CA VAL A 79 -7.50 21.38 -25.70
C VAL A 79 -7.13 20.82 -24.35
N GLY A 80 -6.72 21.72 -23.46
CA GLY A 80 -6.34 21.32 -22.09
C GLY A 80 -7.42 20.54 -21.39
N LYS A 81 -8.67 21.05 -21.43
CA LYS A 81 -9.79 20.36 -20.79
C LYS A 81 -9.98 18.96 -21.38
N ALA A 82 -9.83 18.86 -22.71
CA ALA A 82 -10.03 17.57 -23.34
C ALA A 82 -8.95 16.56 -22.92
N LYS A 83 -7.71 17.05 -22.77
CA LYS A 83 -6.58 16.25 -22.26
C LYS A 83 -6.85 15.77 -20.86
N CYS A 84 -7.40 16.66 -20.04
CA CYS A 84 -7.60 16.35 -18.60
C CYS A 84 -8.68 15.25 -18.48
N ALA A 85 -9.80 15.44 -19.16
CA ALA A 85 -10.87 14.45 -19.11
C ALA A 85 -10.35 13.13 -19.70
N ARG A 86 -9.55 13.21 -20.79
CA ARG A 86 -8.96 12.01 -21.40
C ARG A 86 -8.13 11.24 -20.35
N ASP A 87 -7.27 11.97 -19.68
CA ASP A 87 -6.36 11.39 -18.68
C ASP A 87 -7.13 10.68 -17.57
N ILE A 88 -8.11 11.36 -17.01
CA ILE A 88 -8.92 10.79 -15.93
C ILE A 88 -9.62 9.54 -16.47
N GLY A 89 -10.07 9.61 -17.71
CA GLY A 89 -10.64 8.39 -18.29
C GLY A 89 -9.65 7.23 -18.36
N TYR A 90 -8.37 7.55 -18.61
CA TYR A 90 -7.31 6.53 -18.65
C TYR A 90 -7.17 5.91 -17.27
N TYR A 91 -7.18 6.73 -16.23
CA TYR A 91 -7.05 6.17 -14.85
C TYR A 91 -8.23 5.23 -14.52
N LEU A 92 -9.45 5.68 -14.79
CA LEU A 92 -10.63 4.87 -14.48
C LEU A 92 -10.58 3.58 -15.29
N ARG A 93 -10.20 3.67 -16.56
CA ARG A 93 -10.12 2.46 -17.37
C ARG A 93 -9.09 1.47 -16.84
N MET A 94 -7.94 1.98 -16.37
CA MET A 94 -6.90 1.11 -15.79
C MET A 94 -7.39 0.42 -14.53
N VAL A 95 -8.14 1.15 -13.66
CA VAL A 95 -8.80 0.54 -12.50
C VAL A 95 -9.71 -0.62 -12.92
N THR A 96 -10.53 -0.42 -13.96
CA THR A 96 -11.37 -1.53 -14.34
C THR A 96 -10.52 -2.70 -14.81
N TYR A 97 -9.42 -2.45 -15.55
CA TYR A 97 -8.58 -3.54 -16.07
C TYR A 97 -7.96 -4.35 -14.92
N CYS A 98 -7.46 -3.62 -13.93
CA CYS A 98 -6.94 -4.27 -12.74
C CYS A 98 -7.99 -5.20 -12.12
N LEU A 99 -9.20 -4.70 -11.96
CA LEU A 99 -10.29 -5.49 -11.36
C LEU A 99 -10.50 -6.76 -12.14
N VAL A 100 -10.60 -6.62 -13.44
CA VAL A 100 -10.83 -7.75 -14.33
C VAL A 100 -9.75 -8.84 -14.25
N VAL A 101 -8.48 -8.47 -14.01
CA VAL A 101 -7.40 -9.50 -13.99
C VAL A 101 -6.96 -9.94 -12.59
N GLY A 102 -7.53 -9.28 -11.57
CA GLY A 102 -7.18 -9.55 -10.17
C GLY A 102 -5.81 -9.05 -9.73
N GLY A 103 -5.32 -8.00 -10.37
CA GLY A 103 -3.99 -7.50 -10.07
C GLY A 103 -3.67 -6.16 -10.70
N THR A 104 -2.51 -5.61 -10.29
CA THR A 104 -2.09 -4.25 -10.68
C THR A 104 -1.44 -4.20 -12.06
N GLY A 105 -1.12 -5.37 -12.63
CA GLY A 105 -0.45 -5.45 -13.94
C GLY A 105 -0.81 -4.38 -14.98
N PRO A 106 -2.11 -4.27 -15.33
CA PRO A 106 -2.53 -3.31 -16.39
C PRO A 106 -2.15 -1.88 -16.01
N MET A 107 -2.40 -1.48 -14.76
CA MET A 107 -2.01 -0.15 -14.39
C MET A 107 -0.50 0.00 -14.41
N ASP A 108 0.21 -1.01 -13.91
CA ASP A 108 1.68 -0.98 -13.84
C ASP A 108 2.33 -0.73 -15.20
N GLU A 109 1.85 -1.48 -16.17
CA GLU A 109 2.46 -1.53 -17.50
C GLU A 109 2.05 -0.33 -18.32
N TYR A 110 0.76 -0.02 -18.31
CA TYR A 110 0.22 1.01 -19.19
C TYR A 110 0.29 2.44 -18.63
N LEU A 111 0.38 2.56 -17.30
CA LEU A 111 0.25 3.87 -16.68
C LEU A 111 1.38 4.23 -15.70
N ILE A 112 1.68 3.35 -14.74
CA ILE A 112 2.63 3.71 -13.67
C ILE A 112 4.10 3.74 -14.17
N ALA A 113 4.47 2.79 -15.02
CA ALA A 113 5.83 2.86 -15.54
C ALA A 113 6.00 4.13 -16.38
N GLY A 114 6.91 4.98 -15.91
CA GLY A 114 7.19 6.24 -16.60
C GLY A 114 6.32 7.42 -16.20
N LEU A 115 5.42 7.19 -15.25
CA LEU A 115 4.49 8.20 -14.74
C LEU A 115 5.24 9.43 -14.20
N GLU A 116 6.19 9.20 -13.31
CA GLU A 116 6.94 10.31 -12.73
C GLU A 116 7.64 11.16 -13.75
N GLU A 117 8.23 10.49 -14.75
CA GLU A 117 8.93 11.16 -15.83
C GLU A 117 7.95 12.01 -16.66
N ILE A 118 6.79 11.46 -16.99
CA ILE A 118 5.79 12.23 -17.73
C ILE A 118 5.29 13.44 -16.96
N ASN A 119 4.85 13.24 -15.73
CA ASN A 119 4.34 14.37 -14.97
C ASN A 119 5.38 15.49 -14.87
N ARG A 120 6.63 15.11 -14.67
CA ARG A 120 7.73 16.08 -14.52
C ARG A 120 7.95 16.83 -15.83
N THR A 121 8.15 16.07 -16.88
CA THR A 121 8.37 16.64 -18.22
C THR A 121 7.25 17.62 -18.64
N PHE A 122 5.99 17.21 -18.56
CA PHE A 122 4.86 18.04 -19.03
C PHE A 122 4.30 19.00 -17.96
N ASP A 123 4.96 19.05 -16.81
CA ASP A 123 4.55 19.91 -15.72
C ASP A 123 3.09 19.71 -15.27
N LEU A 124 2.74 18.44 -15.09
CA LEU A 124 1.43 18.05 -14.63
C LEU A 124 1.63 17.80 -13.17
N SER A 125 0.70 18.28 -12.35
CA SER A 125 0.83 18.08 -10.89
C SER A 125 0.13 16.79 -10.43
N PRO A 126 0.89 15.93 -9.72
CA PRO A 126 0.32 14.73 -9.16
C PRO A 126 -0.97 15.06 -8.41
N SER A 127 -1.04 16.21 -7.73
CA SER A 127 -2.23 16.54 -6.91
C SER A 127 -3.53 16.60 -7.65
N TRP A 128 -3.47 17.04 -8.91
CA TRP A 128 -4.66 17.08 -9.77
C TRP A 128 -5.26 15.67 -9.96
N TYR A 129 -4.40 14.70 -10.21
CA TYR A 129 -4.86 13.30 -10.42
C TYR A 129 -5.23 12.67 -9.07
N VAL A 130 -4.49 13.00 -8.01
CA VAL A 130 -4.92 12.53 -6.71
C VAL A 130 -6.37 12.98 -6.38
N GLU A 131 -6.71 14.23 -6.65
CA GLU A 131 -8.09 14.68 -6.42
C GLU A 131 -9.07 13.93 -7.34
N ALA A 132 -8.72 13.71 -8.60
CA ALA A 132 -9.64 12.95 -9.47
C ALA A 132 -9.92 11.57 -8.88
N LEU A 133 -8.85 10.88 -8.48
CA LEU A 133 -8.94 9.59 -7.86
C LEU A 133 -9.80 9.64 -6.59
N ASN A 134 -9.59 10.65 -5.77
CA ASN A 134 -10.44 10.78 -4.56
C ASN A 134 -11.93 11.01 -4.88
N TYR A 135 -12.20 11.78 -5.95
CA TYR A 135 -13.56 11.97 -6.40
C TYR A 135 -14.19 10.63 -6.82
N VAL A 136 -13.42 9.80 -7.53
CA VAL A 136 -13.96 8.52 -7.99
C VAL A 136 -14.30 7.67 -6.78
N LYS A 137 -13.40 7.67 -5.80
CA LYS A 137 -13.57 6.85 -4.60
C LYS A 137 -14.82 7.28 -3.83
N SER A 138 -15.01 8.60 -3.75
CA SER A 138 -16.09 9.22 -2.99
C SER A 138 -17.43 9.09 -3.69
N ASN A 139 -17.40 8.79 -5.00
CA ASN A 139 -18.59 8.87 -5.85
C ASN A 139 -19.00 7.60 -6.65
N HIS A 140 -18.17 6.56 -6.65
CA HIS A 140 -18.56 5.30 -7.31
C HIS A 140 -19.83 4.68 -6.71
N GLY A 141 -20.10 4.92 -5.43
CA GLY A 141 -21.34 4.40 -4.83
C GLY A 141 -21.35 2.90 -4.52
N LEU A 142 -20.19 2.24 -4.65
CA LEU A 142 -20.08 0.81 -4.36
C LEU A 142 -20.09 0.56 -2.86
N SER A 143 -20.43 -0.67 -2.47
CA SER A 143 -20.38 -1.02 -1.03
C SER A 143 -19.82 -2.44 -0.88
N GLY A 144 -19.63 -2.87 0.36
CA GLY A 144 -19.13 -4.23 0.59
C GLY A 144 -17.79 -4.48 -0.06
N GLN A 145 -17.51 -5.73 -0.40
CA GLN A 145 -16.16 -6.06 -0.86
C GLN A 145 -15.90 -5.50 -2.26
N ALA A 146 -16.95 -5.21 -3.03
CA ALA A 146 -16.71 -4.54 -4.32
C ALA A 146 -16.08 -3.14 -4.12
N ALA A 147 -16.52 -2.40 -3.10
CA ALA A 147 -15.88 -1.11 -2.78
C ALA A 147 -14.43 -1.33 -2.34
N ASN A 148 -14.20 -2.35 -1.50
CA ASN A 148 -12.83 -2.67 -1.05
C ASN A 148 -11.93 -2.85 -2.27
N GLU A 149 -12.39 -3.67 -3.22
CA GLU A 149 -11.62 -3.94 -4.43
C GLU A 149 -11.33 -2.68 -5.24
N ALA A 150 -12.36 -1.91 -5.56
CA ALA A 150 -12.20 -0.68 -6.36
C ALA A 150 -11.23 0.28 -5.63
N ASN A 151 -11.46 0.47 -4.33
CA ASN A 151 -10.63 1.38 -3.53
C ASN A 151 -9.18 0.97 -3.36
N THR A 152 -8.94 -0.33 -3.30
CA THR A 152 -7.56 -0.86 -3.30
C THR A 152 -6.76 -0.37 -4.53
N TYR A 153 -7.35 -0.49 -5.71
CA TYR A 153 -6.65 -0.05 -6.89
C TYR A 153 -6.56 1.48 -7.06
N ILE A 154 -7.64 2.19 -6.74
CA ILE A 154 -7.64 3.65 -6.67
C ILE A 154 -6.55 4.10 -5.72
N ASP A 155 -6.50 3.52 -4.51
CA ASP A 155 -5.46 3.91 -3.54
C ASP A 155 -4.03 3.56 -4.02
N TYR A 156 -3.92 2.46 -4.77
CA TYR A 156 -2.67 2.04 -5.42
C TYR A 156 -2.18 3.14 -6.33
N ALA A 157 -3.04 3.66 -7.19
CA ALA A 157 -2.70 4.81 -8.03
C ALA A 157 -2.31 6.06 -7.22
N ILE A 158 -3.09 6.36 -6.18
CA ILE A 158 -2.75 7.52 -5.33
C ILE A 158 -1.31 7.39 -4.76
N ASN A 159 -0.98 6.21 -4.27
CA ASN A 159 0.35 5.91 -3.72
C ASN A 159 1.40 6.11 -4.81
N ALA A 160 1.11 5.65 -6.03
CA ALA A 160 2.02 5.85 -7.15
C ALA A 160 2.29 7.34 -7.43
N LEU B 2 9.73 -17.40 7.64
CA LEU B 2 8.56 -18.09 8.24
C LEU B 2 7.33 -17.19 8.33
N ASP B 3 6.15 -17.80 8.06
CA ASP B 3 4.88 -17.24 8.54
C ASP B 3 4.50 -17.96 9.87
N ALA B 4 3.37 -17.59 10.48
CA ALA B 4 3.07 -18.13 11.82
C ALA B 4 2.84 -19.65 11.78
N PHE B 5 2.33 -20.14 10.65
CA PHE B 5 2.06 -21.58 10.45
C PHE B 5 3.38 -22.33 10.31
N ALA B 6 4.28 -21.79 9.49
CA ALA B 6 5.60 -22.36 9.27
C ALA B 6 6.39 -22.37 10.58
N LYS B 7 6.24 -21.33 11.42
CA LYS B 7 6.93 -21.35 12.72
C LYS B 7 6.51 -22.53 13.59
N VAL B 8 5.21 -22.78 13.67
CA VAL B 8 4.72 -23.92 14.46
C VAL B 8 5.29 -25.23 13.89
N VAL B 9 5.22 -25.37 12.57
CA VAL B 9 5.85 -26.52 11.95
C VAL B 9 7.37 -26.66 12.28
N ALA B 10 8.13 -25.56 12.24
CA ALA B 10 9.55 -25.63 12.37
C ALA B 10 9.89 -26.07 13.81
N GLN B 11 9.12 -25.58 14.79
CA GLN B 11 9.31 -26.01 16.19
C GLN B 11 9.00 -27.51 16.37
N ALA B 12 7.94 -27.97 15.71
CA ALA B 12 7.52 -29.38 15.74
C ALA B 12 8.52 -30.29 15.05
N ASP B 13 9.07 -29.83 13.93
CA ASP B 13 10.07 -30.64 13.22
C ASP B 13 11.35 -30.83 14.03
N ALA B 14 11.75 -29.80 14.74
CA ALA B 14 12.90 -29.91 15.66
C ALA B 14 12.68 -30.94 16.79
N ARG B 15 11.43 -31.25 17.13
CA ARG B 15 11.12 -32.25 18.18
C ARG B 15 10.75 -33.59 17.55
N GLY B 16 10.66 -33.61 16.23
CA GLY B 16 10.27 -34.79 15.48
C GLY B 16 8.80 -35.20 15.63
N GLU B 17 7.92 -34.24 15.87
CA GLU B 17 6.52 -34.52 16.24
C GLU B 17 5.46 -34.07 15.23
N PHE B 18 4.37 -34.83 15.16
CA PHE B 18 3.19 -34.35 14.51
C PHE B 18 2.59 -33.24 15.40
N LEU B 19 1.84 -32.33 14.76
CA LEU B 19 1.12 -31.31 15.50
C LEU B 19 -0.05 -31.95 16.25
N SER B 20 -0.30 -31.50 17.48
CA SER B 20 -1.41 -32.01 18.27
C SER B 20 -2.70 -31.37 17.76
N ASN B 21 -3.85 -31.96 18.11
CA ASN B 21 -5.15 -31.33 17.79
C ASN B 21 -5.28 -29.92 18.34
N THR B 22 -4.74 -29.70 19.53
CA THR B 22 -4.73 -28.38 20.07
C THR B 22 -3.96 -27.37 19.20
N GLN B 23 -2.78 -27.76 18.73
CA GLN B 23 -2.03 -26.91 17.79
C GLN B 23 -2.76 -26.73 16.44
N LEU B 24 -3.44 -27.78 15.95
CA LEU B 24 -4.21 -27.63 14.70
C LEU B 24 -5.39 -26.67 14.94
N ASP B 25 -5.96 -26.72 16.16
CA ASP B 25 -7.04 -25.80 16.51
C ASP B 25 -6.53 -24.36 16.47
N ALA B 26 -5.36 -24.10 17.09
CA ALA B 26 -4.75 -22.77 17.08
C ALA B 26 -4.49 -22.28 15.65
N LEU B 27 -4.05 -23.18 14.77
CA LEU B 27 -3.84 -22.82 13.35
C LEU B 27 -5.14 -22.50 12.65
N SER B 28 -6.18 -23.28 12.97
CA SER B 28 -7.54 -22.97 12.48
C SER B 28 -7.94 -21.57 12.90
N LYS B 29 -7.67 -21.24 14.16
CA LYS B 29 -8.04 -19.93 14.66
C LYS B 29 -7.33 -18.81 13.88
N MET B 30 -6.07 -19.01 13.51
CA MET B 30 -5.36 -18.01 12.69
C MET B 30 -6.06 -17.78 11.34
N VAL B 31 -6.54 -18.87 10.76
CA VAL B 31 -7.34 -18.79 9.52
C VAL B 31 -8.64 -18.00 9.74
N SER B 32 -9.29 -18.18 10.89
CA SER B 32 -10.53 -17.43 11.16
C SER B 32 -10.27 -15.94 11.29
N GLU B 33 -9.05 -15.57 11.68
CA GLU B 33 -8.65 -14.18 11.81
C GLU B 33 -8.08 -13.61 10.52
N GLY B 34 -8.13 -14.41 9.44
CA GLY B 34 -7.44 -14.09 8.21
C GLY B 34 -8.01 -12.87 7.51
N ASN B 35 -9.34 -12.81 7.36
CA ASN B 35 -9.96 -11.65 6.70
C ASN B 35 -9.62 -10.34 7.45
N LYS B 36 -9.69 -10.38 8.78
CA LYS B 36 -9.28 -9.21 9.55
C LYS B 36 -7.83 -8.82 9.28
N ARG B 37 -6.93 -9.79 9.20
CA ARG B 37 -5.51 -9.53 8.99
C ARG B 37 -5.27 -8.94 7.61
N LEU B 38 -5.98 -9.45 6.61
CA LEU B 38 -5.86 -8.90 5.27
C LEU B 38 -6.37 -7.45 5.24
N ASP B 39 -7.47 -7.15 5.94
CA ASP B 39 -7.90 -5.76 6.06
C ASP B 39 -6.81 -4.90 6.62
N VAL B 40 -6.15 -5.38 7.68
CA VAL B 40 -5.07 -4.61 8.30
C VAL B 40 -3.94 -4.29 7.31
N VAL B 41 -3.47 -5.33 6.60
CA VAL B 41 -2.43 -5.16 5.59
C VAL B 41 -2.91 -4.22 4.51
N ASN B 42 -4.12 -4.46 4.02
CA ASN B 42 -4.66 -3.65 2.91
C ASN B 42 -4.76 -2.19 3.30
N ARG B 43 -5.22 -1.93 4.55
CA ARG B 43 -5.45 -0.56 4.99
C ARG B 43 -4.14 0.22 5.16
N ILE B 44 -3.16 -0.43 5.80
CA ILE B 44 -1.85 0.17 6.02
C ILE B 44 -1.18 0.40 4.67
N THR B 45 -1.22 -0.63 3.83
CA THR B 45 -0.55 -0.52 2.51
C THR B 45 -1.19 0.57 1.64
N SER B 46 -2.52 0.64 1.64
CA SER B 46 -3.28 1.59 0.79
C SER B 46 -3.06 3.02 1.21
N ASN B 47 -2.51 3.20 2.41
CA ASN B 47 -2.21 4.51 2.95
C ASN B 47 -0.71 4.73 3.22
N ALA B 48 0.13 3.88 2.61
CA ALA B 48 1.55 3.86 2.96
C ALA B 48 2.23 5.19 2.69
N SER B 49 1.93 5.82 1.55
CA SER B 49 2.60 7.07 1.23
C SER B 49 2.32 8.15 2.26
N ALA B 50 1.05 8.32 2.61
CA ALA B 50 0.65 9.34 3.59
C ALA B 50 1.17 9.00 4.99
N ILE B 51 1.22 7.70 5.31
CA ILE B 51 1.75 7.25 6.61
C ILE B 51 3.22 7.66 6.78
N VAL B 52 4.01 7.40 5.75
CA VAL B 52 5.43 7.72 5.74
C VAL B 52 5.63 9.23 5.78
N THR B 53 4.95 9.90 4.83
CA THR B 53 5.11 11.34 4.66
C THR B 53 4.65 12.13 5.90
N ASN B 54 3.48 11.78 6.45
CA ASN B 54 2.99 12.53 7.61
C ASN B 54 3.85 12.32 8.86
N ALA B 55 4.32 11.09 9.05
CA ALA B 55 5.28 10.77 10.15
C ALA B 55 6.61 11.52 9.98
N ALA B 56 7.11 11.61 8.74
CA ALA B 56 8.40 12.27 8.53
C ALA B 56 8.23 13.75 8.80
N ARG B 57 7.16 14.32 8.24
CA ARG B 57 6.82 15.71 8.48
C ARG B 57 6.74 16.01 10.01
N ALA B 58 6.04 15.17 10.75
CA ALA B 58 5.93 15.36 12.21
C ALA B 58 7.29 15.23 12.90
N LEU B 59 8.10 14.28 12.45
CA LEU B 59 9.45 14.13 12.98
C LEU B 59 10.29 15.40 12.77
N PHE B 60 10.32 15.89 11.53
CA PHE B 60 11.14 17.06 11.22
C PHE B 60 10.60 18.32 11.94
N SER B 61 9.28 18.36 12.11
CA SER B 61 8.63 19.43 12.87
C SER B 61 9.11 19.41 14.35
N GLU B 62 9.15 18.23 14.93
CA GLU B 62 9.56 18.05 16.34
C GLU B 62 11.05 18.29 16.53
N GLN B 63 11.84 17.86 15.55
CA GLN B 63 13.29 17.85 15.64
C GLN B 63 13.88 18.65 14.45
N PRO B 64 13.73 20.00 14.48
CA PRO B 64 14.15 20.84 13.37
C PRO B 64 15.66 20.74 13.06
N GLN B 65 16.47 20.37 14.04
CA GLN B 65 17.89 20.16 13.85
C GLN B 65 18.24 19.07 12.82
N LEU B 66 17.33 18.11 12.60
CA LEU B 66 17.55 17.07 11.59
C LEU B 66 17.65 17.68 10.21
N ILE B 67 16.89 18.74 9.96
CA ILE B 67 16.79 19.33 8.60
C ILE B 67 17.59 20.62 8.42
N GLN B 68 18.01 21.23 9.54
CA GLN B 68 18.89 22.40 9.49
C GLN B 68 20.23 22.09 8.88
N PRO B 69 20.87 23.10 8.25
CA PRO B 69 22.19 22.80 7.67
C PRO B 69 23.11 22.15 8.69
N GLY B 70 23.80 21.09 8.25
CA GLY B 70 24.61 20.26 9.17
C GLY B 70 23.85 19.07 9.75
N GLY B 71 22.53 19.06 9.61
CA GLY B 71 21.67 17.99 10.15
C GLY B 71 21.73 16.73 9.31
N MEN B 72 21.41 15.59 9.93
CA MEN B 72 21.61 14.31 9.22
C MEN B 72 20.65 14.18 8.07
O MEN B 72 20.96 13.50 7.10
CB MEN B 72 21.42 13.12 10.16
CG MEN B 72 22.04 11.90 9.55
OD1 MEN B 72 21.34 10.92 9.26
ND2 MEN B 72 23.37 11.96 9.36
CE2 MEN B 72 24.14 10.86 8.77
N ALA B 73 19.49 14.85 8.15
CA ALA B 73 18.52 14.79 7.02
C ALA B 73 18.53 16.05 6.12
N TYR B 74 19.54 16.90 6.31
CA TYR B 74 19.75 18.07 5.47
C TYR B 74 20.40 17.63 4.14
N THR B 75 20.14 18.40 3.10
CA THR B 75 20.38 18.00 1.69
C THR B 75 19.31 17.06 1.18
N ASN B 76 19.00 17.18 -0.13
CA ASN B 76 17.96 16.32 -0.71
C ASN B 76 18.37 14.85 -0.84
N ARG B 77 19.65 14.58 -1.03
CA ARG B 77 20.12 13.17 -1.00
C ARG B 77 19.93 12.52 0.38
N ARG B 78 20.32 13.23 1.44
CA ARG B 78 20.05 12.69 2.77
C ARG B 78 18.56 12.58 3.11
N MET B 79 17.78 13.62 2.78
CA MET B 79 16.34 13.55 3.03
C MET B 79 15.72 12.37 2.28
N ALA B 80 16.21 12.12 1.06
CA ALA B 80 15.65 11.06 0.26
C ALA B 80 15.97 9.69 0.93
N ALA B 81 17.22 9.50 1.36
CA ALA B 81 17.66 8.30 2.11
C ALA B 81 16.76 8.12 3.32
N CYS B 82 16.50 9.22 4.01
CA CYS B 82 15.67 9.18 5.22
C CYS B 82 14.21 8.73 4.98
N LEU B 83 13.53 9.37 4.04
CA LEU B 83 12.24 8.90 3.54
C LEU B 83 12.22 7.44 3.07
N ARG B 84 13.28 7.00 2.40
CA ARG B 84 13.36 5.62 1.93
C ARG B 84 13.48 4.64 3.12
N ASP B 85 14.19 5.05 4.16
CA ASP B 85 14.30 4.23 5.37
C ASP B 85 12.94 4.08 6.05
N MET B 86 12.18 5.17 6.16
CA MET B 86 10.83 5.09 6.72
C MET B 86 9.95 4.16 5.90
N GLU B 87 10.04 4.28 4.58
CA GLU B 87 9.27 3.42 3.68
C GLU B 87 9.68 1.96 3.81
N ILE B 88 10.98 1.70 3.81
CA ILE B 88 11.50 0.34 3.98
C ILE B 88 11.04 -0.29 5.31
N ILE B 89 11.20 0.44 6.39
CA ILE B 89 10.72 -0.10 7.65
C ILE B 89 9.20 -0.40 7.63
N LEU B 90 8.38 0.47 7.06
CA LEU B 90 6.94 0.22 7.06
C LEU B 90 6.64 -0.99 6.17
N ARG B 91 7.36 -1.06 5.05
CA ARG B 91 7.26 -2.17 4.10
C ARG B 91 7.54 -3.52 4.80
N TYR B 92 8.68 -3.64 5.47
CA TYR B 92 8.95 -4.87 6.24
C TYR B 92 7.99 -5.17 7.42
N VAL B 93 7.53 -4.12 8.08
CA VAL B 93 6.51 -4.29 9.14
C VAL B 93 5.24 -4.86 8.52
N SER B 94 4.86 -4.34 7.34
CA SER B 94 3.67 -4.83 6.68
C SER B 94 3.77 -6.32 6.28
N TYR B 95 4.96 -6.75 5.83
CA TYR B 95 5.26 -8.18 5.58
C TYR B 95 5.10 -8.99 6.84
N ALA B 96 5.63 -8.48 7.96
CA ALA B 96 5.46 -9.20 9.24
C ALA B 96 3.99 -9.40 9.64
N ILE B 97 3.14 -8.40 9.36
CA ILE B 97 1.72 -8.47 9.64
C ILE B 97 1.03 -9.54 8.77
N ILE B 98 1.34 -9.58 7.48
CA ILE B 98 0.68 -10.63 6.69
C ILE B 98 1.18 -12.03 7.09
N ALA B 99 2.42 -12.10 7.58
CA ALA B 99 3.05 -13.39 7.95
C ALA B 99 2.63 -13.86 9.31
N GLY B 100 2.18 -12.93 10.16
CA GLY B 100 1.94 -13.26 11.57
C GLY B 100 3.22 -13.71 12.24
N ASP B 101 4.35 -13.19 11.74
CA ASP B 101 5.67 -13.55 12.29
C ASP B 101 6.70 -12.50 11.93
N SER B 102 7.56 -12.18 12.88
CA SER B 102 8.55 -11.11 12.67
C SER B 102 9.87 -11.54 11.99
N SER B 103 10.04 -12.81 11.66
CA SER B 103 11.31 -13.25 11.07
C SER B 103 11.71 -12.52 9.78
N VAL B 104 10.78 -12.28 8.86
CA VAL B 104 11.15 -11.49 7.68
C VAL B 104 11.67 -10.08 8.00
N LEU B 105 11.07 -9.43 9.02
CA LEU B 105 11.44 -8.09 9.47
C LEU B 105 12.79 -8.12 10.18
N ASP B 106 13.00 -9.13 11.02
CA ASP B 106 14.31 -9.33 11.66
C ASP B 106 15.39 -9.67 10.65
N ASP B 107 15.13 -10.64 9.77
CA ASP B 107 16.18 -11.17 8.86
C ASP B 107 16.59 -10.22 7.76
N ARG B 108 15.62 -9.49 7.19
CA ARG B 108 15.89 -8.74 5.98
C ARG B 108 15.93 -7.23 6.18
N CYS B 109 15.70 -6.76 7.40
CA CYS B 109 15.61 -5.34 7.61
C CYS B 109 16.38 -4.91 8.84
N LEU B 110 16.00 -5.47 9.98
CA LEU B 110 16.50 -4.96 11.25
C LEU B 110 17.86 -5.49 11.64
N ASN B 111 18.17 -6.72 11.24
CA ASN B 111 19.45 -7.35 11.61
C ASN B 111 20.59 -6.51 11.09
N GLY B 112 21.39 -5.94 11.99
CA GLY B 112 22.55 -5.16 11.62
C GLY B 112 22.30 -3.68 11.38
N LEU B 113 21.06 -3.23 11.53
CA LEU B 113 20.70 -1.85 11.19
C LEU B 113 21.21 -0.84 12.23
N ARG B 114 21.12 -1.18 13.52
CA ARG B 114 21.71 -0.34 14.56
C ARG B 114 23.16 -0.04 14.24
N GLU B 115 23.88 -1.08 13.82
CA GLU B 115 25.29 -0.95 13.48
C GLU B 115 25.49 -0.07 12.27
N THR B 116 24.66 -0.29 11.25
CA THR B 116 24.67 0.52 10.05
C THR B 116 24.55 2.00 10.37
N TYR B 117 23.53 2.37 11.13
CA TYR B 117 23.34 3.76 11.53
C TYR B 117 24.50 4.30 12.38
N GLN B 118 25.07 3.45 13.24
CA GLN B 118 26.15 3.92 14.11
C GLN B 118 27.34 4.26 13.27
N ALA B 119 27.58 3.45 12.22
CA ALA B 119 28.69 3.67 11.32
C ALA B 119 28.50 4.92 10.44
N LEU B 120 27.25 5.19 10.03
CA LEU B 120 26.97 6.35 9.18
C LEU B 120 26.76 7.62 9.96
N GLY B 121 26.64 7.53 11.29
CA GLY B 121 26.15 8.66 12.07
C GLY B 121 24.68 9.04 11.88
N VAL B 122 23.84 8.11 11.43
CA VAL B 122 22.38 8.34 11.38
C VAL B 122 21.89 8.21 12.83
N PRO B 123 21.14 9.22 13.35
CA PRO B 123 20.63 9.18 14.73
C PRO B 123 19.52 8.13 14.90
N GLY B 124 19.90 6.93 15.32
CA GLY B 124 18.96 5.81 15.51
C GLY B 124 17.76 6.16 16.35
N ALA B 125 17.98 6.93 17.42
CA ALA B 125 16.88 7.36 18.25
C ALA B 125 15.82 8.22 17.54
N SER B 126 16.25 9.05 16.59
CA SER B 126 15.30 9.86 15.84
C SER B 126 14.52 8.97 14.85
N VAL B 127 15.20 8.02 14.23
CA VAL B 127 14.52 6.96 13.48
C VAL B 127 13.42 6.32 14.33
N ALA B 128 13.74 5.92 15.58
CA ALA B 128 12.76 5.29 16.46
C ALA B 128 11.52 6.14 16.64
N VAL B 129 11.69 7.46 16.68
CA VAL B 129 10.57 8.38 16.87
C VAL B 129 9.74 8.33 15.58
N GLY B 130 10.41 8.39 14.45
CA GLY B 130 9.73 8.25 13.16
C GLY B 130 8.89 6.99 13.09
N VAL B 131 9.47 5.85 13.45
CA VAL B 131 8.78 4.54 13.44
C VAL B 131 7.57 4.54 14.38
N GLU B 132 7.74 5.07 15.60
CA GLU B 132 6.59 5.18 16.54
C GLU B 132 5.42 6.06 16.06
N LYS B 133 5.69 7.11 15.30
CA LYS B 133 4.61 7.94 14.75
C LYS B 133 3.91 7.16 13.61
N MET B 134 4.68 6.39 12.84
CA MET B 134 4.05 5.54 11.79
C MET B 134 3.18 4.48 12.48
N LYS B 135 3.66 3.96 13.61
CA LYS B 135 2.86 3.01 14.38
C LYS B 135 1.51 3.58 14.74
N ASP B 136 1.51 4.82 15.23
CA ASP B 136 0.31 5.43 15.75
C ASP B 136 -0.68 5.69 14.62
N SER B 137 -0.15 6.20 13.51
CA SER B 137 -1.01 6.44 12.33
C SER B 137 -1.52 5.11 11.73
N ALA B 138 -0.60 4.14 11.53
CA ALA B 138 -0.99 2.82 10.97
C ALA B 138 -2.10 2.14 11.78
N ILE B 139 -1.98 2.14 13.12
CA ILE B 139 -3.02 1.53 13.92
C ILE B 139 -4.34 2.32 13.86
N ALA B 140 -4.28 3.65 13.89
CA ALA B 140 -5.50 4.45 13.84
C ALA B 140 -6.21 4.18 12.50
N ILE B 141 -5.44 3.99 11.45
CA ILE B 141 -6.00 3.69 10.12
C ILE B 141 -6.54 2.24 10.08
N ALA B 142 -5.71 1.27 10.45
CA ALA B 142 -6.16 -0.12 10.48
C ALA B 142 -7.41 -0.34 11.31
N ASN B 143 -7.50 0.37 12.45
CA ASN B 143 -8.55 0.15 13.42
C ASN B 143 -9.72 1.14 13.29
N ASP B 144 -9.79 1.85 12.17
CA ASP B 144 -10.89 2.77 11.87
C ASP B 144 -12.20 1.99 11.74
N PRO B 145 -13.21 2.31 12.60
CA PRO B 145 -14.47 1.58 12.60
C PRO B 145 -15.33 1.84 11.36
N SER B 146 -14.95 2.84 10.57
CA SER B 146 -15.71 3.25 9.39
C SER B 146 -15.39 2.33 8.20
N GLY B 147 -16.42 1.97 7.42
CA GLY B 147 -16.23 1.36 6.08
C GLY B 147 -15.81 -0.11 6.11
N ILE B 148 -16.20 -0.81 7.15
CA ILE B 148 -15.74 -2.19 7.37
C ILE B 148 -16.81 -2.83 8.21
N THR B 149 -16.92 -4.17 8.21
CA THR B 149 -17.85 -4.91 9.06
C THR B 149 -17.37 -4.79 10.52
N THR B 150 -18.26 -4.39 11.44
CA THR B 150 -17.84 -4.15 12.84
C THR B 150 -17.47 -5.41 13.57
N GLY B 151 -16.35 -5.38 14.26
CA GLY B 151 -15.91 -6.49 15.08
C GLY B 151 -14.69 -6.06 15.87
N ASP B 152 -14.12 -6.99 16.62
CA ASP B 152 -13.04 -6.64 17.52
C ASP B 152 -11.66 -7.04 16.98
N CYS B 153 -10.82 -6.05 16.70
CA CYS B 153 -9.46 -6.31 16.18
C CYS B 153 -8.37 -6.03 17.21
N SER B 154 -8.75 -5.95 18.49
CA SER B 154 -7.79 -5.61 19.56
C SER B 154 -6.52 -6.49 19.55
N ALA B 155 -6.68 -7.82 19.47
CA ALA B 155 -5.53 -8.75 19.44
C ALA B 155 -4.56 -8.43 18.31
N LEU B 156 -5.12 -8.19 17.14
CA LEU B 156 -4.33 -7.86 15.96
C LEU B 156 -3.61 -6.51 16.18
N MET B 157 -4.30 -5.51 16.73
CA MET B 157 -3.72 -4.17 16.82
C MET B 157 -2.57 -4.23 17.81
N ALA B 158 -2.72 -5.08 18.83
CA ALA B 158 -1.63 -5.34 19.77
C ALA B 158 -0.42 -5.96 19.04
N GLU B 159 -0.72 -6.91 18.14
CA GLU B 159 0.33 -7.63 17.43
C GLU B 159 1.03 -6.69 16.45
N VAL B 160 0.27 -5.90 15.71
CA VAL B 160 0.84 -4.87 14.86
C VAL B 160 1.78 -3.96 15.71
N GLY B 161 1.26 -3.50 16.83
CA GLY B 161 2.08 -2.70 17.77
C GLY B 161 3.44 -3.33 17.95
N THR B 162 3.49 -4.63 18.24
CA THR B 162 4.76 -5.31 18.59
C THR B 162 5.77 -5.22 17.46
N TYR B 163 5.33 -5.33 16.21
CA TYR B 163 6.28 -5.22 15.11
C TYR B 163 6.89 -3.85 14.99
N PHE B 164 6.06 -2.79 15.03
CA PHE B 164 6.58 -1.43 15.02
C PHE B 164 7.51 -1.19 16.23
N ASP B 165 7.10 -1.60 17.43
CA ASP B 165 7.97 -1.43 18.61
C ASP B 165 9.31 -2.17 18.44
N ARG B 166 9.25 -3.35 17.83
CA ARG B 166 10.45 -4.19 17.58
C ARG B 166 11.46 -3.45 16.70
N ALA B 167 10.95 -2.84 15.63
CA ALA B 167 11.73 -1.97 14.76
C ALA B 167 12.33 -0.78 15.50
N ALA B 168 11.50 -0.04 16.24
CA ALA B 168 11.96 1.14 17.00
C ALA B 168 13.05 0.77 18.01
N THR B 169 12.86 -0.35 18.69
CA THR B 169 13.92 -0.91 19.57
C THR B 169 15.21 -1.27 18.82
N ALA B 170 15.07 -1.87 17.64
CA ALA B 170 16.20 -2.32 16.86
C ALA B 170 17.10 -1.18 16.37
N VAL B 171 16.50 -0.03 16.04
CA VAL B 171 17.27 1.09 15.49
C VAL B 171 18.00 1.90 16.58
CHA BLA C . -0.93 15.81 -21.14
NA BLA C . -1.29 13.54 -20.19
C1A BLA C . -0.57 14.41 -20.93
C2A BLA C . 0.57 13.82 -21.66
C3A BLA C . 0.58 12.44 -21.21
C4A BLA C . -0.62 12.38 -20.32
CMA BLA C . 1.58 11.37 -21.59
CAA BLA C . 1.56 14.50 -22.57
CBA BLA C . 1.38 13.91 -23.98
CGA BLA C . -0.03 14.18 -24.48
O1A BLA C . -0.31 15.35 -24.82
O2A BLA C . -0.85 13.25 -24.57
CHB BLA C . -1.11 11.22 -19.57
NB BLA C . -0.59 9.42 -21.20
C1B BLA C . -1.06 9.81 -19.97
C2B BLA C . -1.57 8.72 -19.09
C3B BLA C . -1.30 7.55 -19.93
C4B BLA C . -0.74 8.09 -21.18
CMB BLA C . -2.14 8.81 -17.68
OB BLA C . -0.36 7.35 -22.16
CAB BLA C . -1.60 6.11 -19.58
CBB BLA C . -2.53 5.47 -20.30
NC BLA C . -4.19 19.67 -17.01
C1C BLA C . -4.83 20.30 -16.00
C2C BLA C . -5.71 19.45 -15.14
C3C BLA C . -5.48 18.12 -15.75
C4C BLA C . -4.59 18.36 -16.93
CMC BLA C . -6.44 19.86 -13.88
OC BLA C . -4.72 21.57 -15.78
CAC BLA C . -6.08 16.77 -15.41
CBC BLA C . -6.33 16.34 -14.15
CHD BLA C . -4.18 17.30 -17.87
ND BLA C . -2.59 16.35 -19.37
C1D BLA C . -3.29 17.46 -19.05
C2D BLA C . -3.01 18.62 -19.94
C3D BLA C . -2.02 18.10 -20.86
C4D BLA C . -1.86 16.70 -20.45
CMD BLA C . -3.55 20.01 -19.98
CAD BLA C . -1.32 18.80 -21.99
CBD BLA C . 0.15 19.01 -21.58
CGD BLA C . 0.94 19.60 -22.74
O1D BLA C . 0.46 19.52 -23.90
O2D BLA C . 2.03 20.17 -22.46
CHA BLA D . 21.33 5.74 5.05
NA BLA D . 19.92 3.73 5.51
C1A BLA D . 21.07 4.29 5.06
C2A BLA D . 22.03 3.36 4.40
C3A BLA D . 21.38 2.04 4.55
C4A BLA D . 20.09 2.40 5.23
CMA BLA D . 21.93 0.70 4.11
CAA BLA D . 23.40 3.72 3.81
CBA BLA D . 23.51 3.64 2.30
CGA BLA D . 22.55 4.61 1.68
O1A BLA D . 22.77 5.84 1.74
O2A BLA D . 21.55 4.12 1.15
CHB BLA D . 19.10 1.38 5.62
NB BLA D . 19.11 0.03 3.52
C1B BLA D . 18.65 0.23 4.78
C2B BLA D . 17.69 -0.80 5.24
C3B BLA D . 17.56 -1.68 4.06
C4B BLA D . 18.49 -1.09 3.07
CMB BLA D . 16.99 -0.89 6.55
OB BLA D . 18.66 -1.59 1.88
CAB BLA D . 16.73 -2.90 3.94
CBB BLA D . 15.99 -3.10 2.86
NC BLA D . 18.52 10.30 8.79
C1C BLA D . 17.92 11.04 9.75
C2C BLA D . 16.61 10.54 10.21
C3C BLA D . 16.45 9.33 9.38
C4C BLA D . 17.68 9.26 8.55
CMC BLA D . 15.75 11.09 11.26
OC BLA D . 18.39 12.14 10.24
CAC BLA D . 15.30 8.40 9.38
CBC BLA D . 14.06 8.88 9.55
CHD BLA D . 17.98 8.20 7.58
ND BLA D . 19.50 6.77 6.41
C1D BLA D . 19.17 8.06 6.73
C2D BLA D . 20.08 9.07 6.13
C3D BLA D . 21.04 8.24 5.37
C4D BLA D . 20.59 6.87 5.61
CMD BLA D . 20.12 10.57 6.19
CAD BLA D . 22.24 8.69 4.55
CBD BLA D . 23.40 8.74 5.54
CGD BLA D . 24.68 9.11 4.87
O1D BLA D . 24.63 9.71 3.78
O2D BLA D . 25.74 8.81 5.47
CHA BLA E . -14.47 -9.00 7.49
NA BLA E . -12.71 -8.56 5.78
C1A BLA E . -13.89 -9.08 6.15
C2A BLA E . -14.46 -10.05 5.18
C3A BLA E . -13.53 -9.99 4.04
C4A BLA E . -12.47 -9.06 4.53
CMA BLA E . -13.68 -10.70 2.70
CAA BLA E . -15.74 -10.83 5.31
CBA BLA E . -16.83 -10.12 4.51
CGA BLA E . -17.22 -8.80 5.15
O1A BLA E . -17.22 -7.77 4.45
O2A BLA E . -17.52 -8.85 6.37
CHB BLA E . -11.35 -8.58 3.73
NB BLA E . -10.74 -10.57 2.38
C1B BLA E . -10.54 -9.27 2.69
C2B BLA E . -9.47 -8.60 1.91
C3B BLA E . -8.99 -9.69 1.04
C4B BLA E . -9.85 -10.82 1.37
CMB BLA E . -8.99 -7.19 1.96
OB BLA E . -9.71 -11.98 0.81
CAB BLA E . -7.92 -9.57 0.00
CBB BLA E . -6.93 -10.41 -0.01
NC BLA E . -13.60 -4.62 11.80
C1C BLA E . -13.53 -3.50 12.54
C2C BLA E . -12.16 -2.94 12.71
C3C BLA E . -11.33 -3.90 11.91
C4C BLA E . -12.33 -4.88 11.40
CMC BLA E . -11.78 -1.70 13.45
OC BLA E . -14.57 -2.96 13.08
CAC BLA E . -9.85 -3.89 11.70
CBC BLA E . -9.10 -4.80 11.05
CHD BLA E . -12.05 -6.06 10.56
ND BLA E . -13.06 -7.43 8.79
C1D BLA E . -13.05 -7.02 10.09
C2D BLA E . -14.04 -7.70 10.94
C3D BLA E . -14.75 -8.58 10.00
C4D BLA E . -14.05 -8.35 8.72
CMD BLA E . -14.33 -7.54 12.41
CAD BLA E . -15.88 -9.52 10.27
CBD BLA E . -15.30 -10.73 11.00
CGD BLA E . -14.54 -11.65 10.07
O1D BLA E . -14.89 -11.80 8.88
O2D BLA E . -13.55 -12.24 10.57
#